data_4BJZ
#
_entry.id   4BJZ
#
_cell.length_a   106.790
_cell.length_b   106.790
_cell.length_c   142.716
_cell.angle_alpha   90.00
_cell.angle_beta   90.00
_cell.angle_gamma   90.00
#
_symmetry.space_group_name_H-M   'I 41 2 2'
#
loop_
_entity.id
_entity.type
_entity.pdbx_description
1 polymer 'PROBABLE SALICYLATE MONOOXYGENASE'
2 non-polymer 'FLAVIN-ADENINE DINUCLEOTIDE'
3 non-polymer PHOSPHATIDYLGLYCEROL-PHOSPHOGLYCEROL
4 non-polymer 'CHLORIDE ION'
5 water water
#
_entity_poly.entity_id   1
_entity_poly.type   'polypeptide(L)'
_entity_poly.pdbx_seq_one_letter_code
;MSNLQDARIIIAGGGIGGAANALALAQKGANVTLFERASEFGEVGAGLQVGPHGARILDSWGVLDDVLSRAFLPKNIVFR
DAITAEVLTKIDLGSEFRGRYGGPYFVTHRSDLHATLVDAARAAGAELHTGVTVTDVITEGDKAIVSTDDGRTHEADIAL
GMDGLKSRLREKISGDEPVSSGYAAYRGTTPYRDVELDEDIEDVVGYIGPRCHFIQYPLRGGEMLNQVAVFESPGFKNGI
ENWGGPEELEQAYAHCHENVRRGIDYLWKDRWWPMYDREPIENWVDGRMILLGDAAHPPLQYLASGAVMAIEDAKCLADY
AAEDFSTGGNSAWPQILKEVNTERAPRCNRILTTGRMWGELWHLDGTARIARNELFRTRDTSSYKYTDWLWGYSSDRASK
LGPEQKLISEEDLNSAVDHHHHHH
;
_entity_poly.pdbx_strand_id   A
#
loop_
_chem_comp.id
_chem_comp.type
_chem_comp.name
_chem_comp.formula
CL non-polymer 'CHLORIDE ION' 'Cl -1'
FAD non-polymer 'FLAVIN-ADENINE DINUCLEOTIDE' 'C27 H33 N9 O15 P2'
P3A non-polymer PHOSPHATIDYLGLYCEROL-PHOSPHOGLYCEROL 'C41 H78 O15 P2 -2'
#
# COMPACT_ATOMS: atom_id res chain seq x y z
N ASN A 3 -11.92 25.32 -0.54
CA ASN A 3 -12.59 24.21 0.15
C ASN A 3 -13.73 23.58 -0.66
N LEU A 4 -14.33 22.52 -0.11
CA LEU A 4 -15.25 21.70 -0.86
C LEU A 4 -16.65 21.71 -0.27
N GLN A 5 -17.05 22.82 0.34
CA GLN A 5 -18.31 22.79 1.05
C GLN A 5 -19.50 22.29 0.29
N ASP A 6 -19.71 22.78 -0.89
CA ASP A 6 -20.95 22.35 -1.54
C ASP A 6 -20.81 21.00 -2.28
N ALA A 7 -19.64 20.39 -2.21
CA ALA A 7 -19.38 19.20 -2.98
C ALA A 7 -19.88 17.88 -2.33
N ARG A 8 -20.32 16.93 -3.15
CA ARG A 8 -20.74 15.63 -2.71
C ARG A 8 -19.91 14.57 -3.40
N ILE A 9 -19.31 13.70 -2.61
CA ILE A 9 -18.46 12.60 -3.12
C ILE A 9 -18.88 11.29 -2.52
N ILE A 10 -19.08 10.27 -3.33
CA ILE A 10 -19.33 8.93 -2.88
C ILE A 10 -18.10 8.08 -3.15
N ILE A 11 -17.70 7.29 -2.14
CA ILE A 11 -16.53 6.46 -2.22
C ILE A 11 -16.98 4.99 -2.14
N ALA A 12 -16.63 4.22 -3.16
CA ALA A 12 -16.92 2.82 -3.22
C ALA A 12 -15.71 2.04 -2.70
N GLY A 13 -15.78 1.55 -1.44
CA GLY A 13 -14.66 0.85 -0.82
C GLY A 13 -14.11 1.54 0.36
N GLY A 14 -13.91 0.79 1.42
CA GLY A 14 -13.47 1.35 2.70
C GLY A 14 -12.20 0.71 3.22
N GLY A 15 -11.26 0.40 2.34
CA GLY A 15 -9.92 -0.01 2.81
C GLY A 15 -9.17 1.21 3.21
N ILE A 16 -7.86 1.03 3.35
CA ILE A 16 -6.98 2.15 3.74
C ILE A 16 -7.19 3.30 2.75
N GLY A 17 -7.32 2.96 1.47
CA GLY A 17 -7.47 3.98 0.43
C GLY A 17 -8.76 4.79 0.64
N GLY A 18 -9.87 4.04 0.66
CA GLY A 18 -11.14 4.73 0.76
C GLY A 18 -11.26 5.57 2.04
N ALA A 19 -10.77 5.00 3.13
CA ALA A 19 -10.72 5.73 4.39
C ALA A 19 -9.91 7.01 4.30
N ALA A 20 -8.73 6.91 3.69
CA ALA A 20 -7.88 8.08 3.61
C ALA A 20 -8.53 9.14 2.77
N ASN A 21 -9.17 8.75 1.62
CA ASN A 21 -9.89 9.72 0.80
C ASN A 21 -11.07 10.34 1.54
N ALA A 22 -11.78 9.54 2.33
CA ALA A 22 -12.89 10.06 3.12
C ALA A 22 -12.40 11.15 4.07
N LEU A 23 -11.26 10.88 4.72
CA LEU A 23 -10.66 11.82 5.63
C LEU A 23 -10.23 13.09 4.94
N ALA A 24 -9.46 12.93 3.88
CA ALA A 24 -8.93 14.10 3.22
C ALA A 24 -10.05 15.00 2.69
N LEU A 25 -11.06 14.41 2.06
CA LEU A 25 -12.17 15.17 1.50
C LEU A 25 -13.04 15.82 2.60
N ALA A 26 -13.37 15.07 3.62
CA ALA A 26 -14.19 15.62 4.71
C ALA A 26 -13.45 16.75 5.40
N GLN A 27 -12.12 16.75 5.45
CA GLN A 27 -11.35 17.84 6.11
C GLN A 27 -11.41 19.11 5.31
N LYS A 28 -11.64 18.97 4.02
CA LYS A 28 -11.87 20.13 3.11
C LYS A 28 -13.30 20.63 3.17
N GLY A 29 -14.16 19.95 3.93
CA GLY A 29 -15.59 20.35 4.01
C GLY A 29 -16.58 19.69 3.09
N ALA A 30 -16.12 18.76 2.23
CA ALA A 30 -17.00 18.00 1.39
C ALA A 30 -17.99 17.15 2.14
N ASN A 31 -19.12 16.87 1.47
CA ASN A 31 -20.07 15.87 1.92
C ASN A 31 -19.61 14.54 1.33
N VAL A 32 -19.20 13.62 2.20
CA VAL A 32 -18.64 12.35 1.79
C VAL A 32 -19.48 11.26 2.29
N THR A 33 -19.88 10.37 1.40
CA THR A 33 -20.54 9.12 1.73
C THR A 33 -19.67 7.96 1.24
N LEU A 34 -19.36 7.02 2.13
CA LEU A 34 -18.50 5.89 1.80
C LEU A 34 -19.24 4.61 2.04
N PHE A 35 -19.26 3.72 1.08
CA PHE A 35 -19.86 2.42 1.21
C PHE A 35 -18.79 1.35 1.29
N GLU A 36 -18.78 0.58 2.34
CA GLU A 36 -17.94 -0.61 2.44
C GLU A 36 -18.73 -1.92 2.46
N ARG A 37 -18.31 -2.85 1.63
CA ARG A 37 -18.99 -4.17 1.45
C ARG A 37 -19.02 -4.98 2.75
N ALA A 38 -17.90 -5.01 3.45
CA ALA A 38 -17.76 -5.83 4.62
C ALA A 38 -18.65 -5.34 5.76
N SER A 39 -19.06 -6.24 6.63
CA SER A 39 -19.97 -5.83 7.76
C SER A 39 -19.31 -5.03 8.88
N GLU A 40 -17.99 -4.98 8.95
CA GLU A 40 -17.30 -4.10 9.88
C GLU A 40 -16.09 -3.54 9.15
N PHE A 41 -15.68 -2.33 9.52
CA PHE A 41 -14.39 -1.83 9.09
C PHE A 41 -13.28 -2.63 9.76
N GLY A 42 -12.22 -2.91 9.03
CA GLY A 42 -11.14 -3.70 9.58
C GLY A 42 -9.99 -3.84 8.64
N GLU A 43 -8.86 -4.26 9.18
CA GLU A 43 -7.72 -4.66 8.39
C GLU A 43 -6.99 -5.84 9.07
N VAL A 44 -6.03 -6.41 8.35
CA VAL A 44 -5.22 -7.52 8.86
C VAL A 44 -4.44 -7.05 10.08
N GLY A 45 -4.41 -7.89 11.12
CA GLY A 45 -3.61 -7.62 12.30
C GLY A 45 -2.13 -7.96 12.18
N ALA A 46 -1.52 -7.45 11.11
CA ALA A 46 -0.11 -7.62 10.88
C ALA A 46 0.43 -6.27 10.40
N GLY A 47 1.75 -6.22 10.20
CA GLY A 47 2.44 -4.99 9.88
C GLY A 47 2.27 -4.47 8.48
N LEU A 48 2.46 -3.17 8.31
CA LEU A 48 2.83 -2.65 7.03
C LEU A 48 3.91 -1.58 7.35
N GLN A 49 4.61 -1.16 6.29
CA GLN A 49 5.62 -0.13 6.34
C GLN A 49 5.10 1.14 5.74
N VAL A 50 5.39 2.28 6.31
CA VAL A 50 4.89 3.55 5.81
C VAL A 50 6.08 4.47 5.77
N GLY A 51 6.64 4.69 4.58
CA GLY A 51 7.75 5.62 4.44
C GLY A 51 7.34 7.07 4.54
N PRO A 52 8.29 8.00 4.46
CA PRO A 52 7.97 9.42 4.70
C PRO A 52 7.02 10.00 3.67
N HIS A 53 6.98 9.36 2.48
CA HIS A 53 6.05 9.77 1.41
C HIS A 53 4.60 9.55 1.85
N GLY A 54 4.33 8.59 2.75
CA GLY A 54 3.01 8.50 3.43
C GLY A 54 2.97 9.24 4.75
N ALA A 55 4.07 9.24 5.54
CA ALA A 55 4.03 9.79 6.91
C ALA A 55 3.78 11.27 6.92
N ARG A 56 4.34 11.99 5.94
CA ARG A 56 4.21 13.46 5.87
C ARG A 56 2.72 13.75 5.65
N ILE A 57 2.04 12.92 4.87
CA ILE A 57 0.62 13.19 4.52
C ILE A 57 -0.23 12.96 5.73
N LEU A 58 0.00 11.86 6.44
CA LEU A 58 -0.73 11.62 7.72
C LEU A 58 -0.54 12.80 8.67
N ASP A 59 0.65 13.38 8.70
CA ASP A 59 0.92 14.50 9.58
C ASP A 59 0.07 15.67 9.15
N SER A 60 -0.06 15.93 7.85
CA SER A 60 -0.85 17.06 7.35
C SER A 60 -2.31 16.93 7.82
N TRP A 61 -2.83 15.70 7.86
CA TRP A 61 -4.21 15.44 8.28
C TRP A 61 -4.36 15.42 9.81
N GLY A 62 -3.24 15.57 10.52
CA GLY A 62 -3.23 15.65 11.99
C GLY A 62 -3.32 14.33 12.69
N VAL A 63 -3.09 13.23 11.97
CA VAL A 63 -3.19 11.92 12.58
C VAL A 63 -1.82 11.20 12.82
N LEU A 64 -0.72 11.77 12.36
CA LEU A 64 0.55 11.04 12.49
C LEU A 64 0.99 10.82 13.94
N ASP A 65 0.84 11.86 14.76
CA ASP A 65 1.20 11.74 16.21
C ASP A 65 0.52 10.57 16.84
N ASP A 66 -0.76 10.45 16.55
CA ASP A 66 -1.49 9.40 17.09
C ASP A 66 -1.14 8.07 16.53
N VAL A 67 -0.97 7.97 15.21
CA VAL A 67 -0.56 6.70 14.62
C VAL A 67 0.78 6.27 15.25
N LEU A 68 1.71 7.22 15.43
CA LEU A 68 3.02 6.89 15.95
C LEU A 68 2.99 6.39 17.39
N SER A 69 2.00 6.84 18.14
CA SER A 69 1.93 6.47 19.56
C SER A 69 1.74 4.97 19.68
N ARG A 70 1.24 4.34 18.61
CA ARG A 70 1.04 2.90 18.52
C ARG A 70 1.88 2.14 17.44
N ALA A 71 2.90 2.82 16.93
CA ALA A 71 3.74 2.35 15.82
C ALA A 71 5.13 1.95 16.35
N PHE A 72 6.06 1.66 15.43
CA PHE A 72 7.46 1.46 15.77
C PHE A 72 8.32 2.24 14.79
N LEU A 73 9.45 2.75 15.27
CA LEU A 73 10.31 3.62 14.47
C LEU A 73 11.64 2.89 14.25
N PRO A 74 11.78 2.17 13.14
CA PRO A 74 13.03 1.46 12.88
C PRO A 74 14.19 2.45 12.64
N LYS A 75 15.38 2.06 13.02
CA LYS A 75 16.55 2.93 12.81
C LYS A 75 17.07 2.80 11.39
N ASN A 76 16.90 1.64 10.77
CA ASN A 76 17.41 1.38 9.42
C ASN A 76 16.52 0.40 8.66
N ILE A 77 16.65 0.34 7.35
CA ILE A 77 16.27 -0.83 6.58
C ILE A 77 17.56 -1.56 6.28
N VAL A 78 17.61 -2.85 6.60
CA VAL A 78 18.88 -3.58 6.52
C VAL A 78 18.63 -4.72 5.55
N PHE A 79 19.42 -4.83 4.47
CA PHE A 79 19.35 -5.96 3.56
C PHE A 79 20.45 -6.96 3.90
N ARG A 80 20.07 -8.24 4.00
CA ARG A 80 20.99 -9.31 4.32
C ARG A 80 20.83 -10.35 3.22
N ASP A 81 21.90 -11.06 2.92
CA ASP A 81 21.85 -12.23 2.06
C ASP A 81 21.14 -13.35 2.76
N ALA A 82 20.12 -13.97 2.13
CA ALA A 82 19.30 -14.97 2.78
C ALA A 82 20.02 -16.27 3.01
N ILE A 83 21.07 -16.51 2.23
CA ILE A 83 21.87 -17.79 2.37
C ILE A 83 22.97 -17.66 3.48
N THR A 84 23.68 -16.54 3.47
CA THR A 84 24.75 -16.35 4.43
C THR A 84 24.40 -15.54 5.64
N ALA A 85 23.29 -14.83 5.61
CA ALA A 85 22.90 -13.85 6.64
C ALA A 85 23.80 -12.60 6.73
N GLU A 86 24.70 -12.45 5.80
CA GLU A 86 25.65 -11.29 5.72
C GLU A 86 24.86 -10.00 5.45
N VAL A 87 25.19 -8.93 6.17
CA VAL A 87 24.63 -7.61 5.86
C VAL A 87 25.21 -7.22 4.48
N LEU A 88 24.35 -6.82 3.60
CA LEU A 88 24.71 -6.29 2.27
C LEU A 88 24.77 -4.73 2.34
N THR A 89 23.66 -4.11 2.72
CA THR A 89 23.66 -2.64 2.90
C THR A 89 22.60 -2.29 3.87
N LYS A 90 22.67 -1.04 4.33
CA LYS A 90 21.62 -0.41 5.19
C LYS A 90 21.20 0.92 4.60
N ILE A 91 19.91 1.20 4.68
CA ILE A 91 19.37 2.54 4.50
C ILE A 91 19.14 3.13 5.88
N ASP A 92 19.91 4.16 6.22
CA ASP A 92 19.78 4.89 7.46
C ASP A 92 18.50 5.71 7.50
N LEU A 93 17.63 5.44 8.47
CA LEU A 93 16.36 6.18 8.60
C LEU A 93 16.38 7.31 9.67
N GLY A 94 17.58 7.79 9.99
CA GLY A 94 17.79 8.84 10.96
C GLY A 94 17.47 10.28 10.55
N SER A 95 18.03 11.26 11.30
CA SER A 95 17.42 12.62 11.28
C SER A 95 17.66 13.27 9.89
N GLU A 96 18.74 12.93 9.28
CA GLU A 96 19.13 13.37 7.87
C GLU A 96 18.16 12.83 6.85
N PHE A 97 17.91 11.55 6.92
CA PHE A 97 16.76 10.95 6.17
C PHE A 97 15.46 11.74 6.43
N ARG A 98 15.12 11.95 7.72
CA ARG A 98 13.86 12.56 8.02
C ARG A 98 13.81 14.04 7.60
N GLY A 99 14.95 14.71 7.72
CA GLY A 99 15.10 16.04 7.21
C GLY A 99 14.91 16.13 5.74
N ARG A 100 15.47 15.14 5.04
CA ARG A 100 15.38 15.17 3.58
C ARG A 100 13.97 14.97 3.06
N TYR A 101 13.28 14.00 3.67
CA TYR A 101 12.02 13.52 3.16
C TYR A 101 10.77 14.00 3.91
N GLY A 102 11.00 14.80 4.93
CA GLY A 102 9.88 15.48 5.59
C GLY A 102 9.05 14.68 6.54
N GLY A 103 9.55 13.53 6.98
CA GLY A 103 8.87 12.70 7.94
C GLY A 103 9.64 11.43 8.19
N PRO A 104 9.17 10.66 9.14
CA PRO A 104 9.76 9.40 9.50
C PRO A 104 9.36 8.25 8.58
N TYR A 105 10.17 7.21 8.55
CA TYR A 105 9.81 5.90 8.03
C TYR A 105 9.39 5.09 9.20
N PHE A 106 8.11 4.72 9.25
CA PHE A 106 7.62 3.92 10.41
C PHE A 106 6.95 2.62 9.95
N VAL A 107 6.68 1.75 10.91
CA VAL A 107 5.93 0.56 10.68
C VAL A 107 4.85 0.46 11.78
N THR A 108 3.73 -0.14 11.42
CA THR A 108 2.62 -0.28 12.38
C THR A 108 1.71 -1.42 11.93
N HIS A 109 0.71 -1.72 12.75
CA HIS A 109 -0.31 -2.72 12.37
C HIS A 109 -1.23 -2.10 11.37
N ARG A 110 -1.54 -2.82 10.30
CA ARG A 110 -2.50 -2.36 9.30
C ARG A 110 -3.84 -2.01 9.96
N SER A 111 -4.25 -2.87 10.87
CA SER A 111 -5.50 -2.68 11.58
C SER A 111 -5.58 -1.36 12.33
N ASP A 112 -4.47 -0.98 12.93
CA ASP A 112 -4.41 0.27 13.68
C ASP A 112 -4.40 1.50 12.78
N LEU A 113 -3.63 1.45 11.71
CA LEU A 113 -3.63 2.56 10.79
C LEU A 113 -5.04 2.74 10.23
N HIS A 114 -5.64 1.66 9.84
CA HIS A 114 -6.97 1.69 9.21
C HIS A 114 -8.02 2.24 10.19
N ALA A 115 -8.00 1.76 11.41
CA ALA A 115 -8.93 2.29 12.40
C ALA A 115 -8.75 3.77 12.67
N THR A 116 -7.50 4.18 12.78
CA THR A 116 -7.18 5.58 12.98
C THR A 116 -7.75 6.47 11.86
N LEU A 117 -7.54 6.05 10.60
CA LEU A 117 -8.08 6.78 9.48
C LEU A 117 -9.63 6.85 9.50
N VAL A 118 -10.26 5.74 9.77
CA VAL A 118 -11.75 5.62 9.81
C VAL A 118 -12.29 6.56 10.89
N ASP A 119 -11.65 6.54 12.06
CA ASP A 119 -12.09 7.34 13.22
C ASP A 119 -11.95 8.79 12.85
N ALA A 120 -10.85 9.17 12.21
CA ALA A 120 -10.61 10.57 11.86
C ALA A 120 -11.56 11.05 10.73
N ALA A 121 -11.85 10.17 9.78
CA ALA A 121 -12.77 10.49 8.70
C ALA A 121 -14.15 10.75 9.34
N ARG A 122 -14.55 9.89 10.25
CA ARG A 122 -15.88 10.12 10.93
C ARG A 122 -15.92 11.45 11.67
N ALA A 123 -14.84 11.71 12.39
CA ALA A 123 -14.76 12.91 13.20
C ALA A 123 -14.86 14.16 12.33
N ALA A 124 -14.35 14.06 11.11
CA ALA A 124 -14.27 15.14 10.18
C ALA A 124 -15.57 15.30 9.42
N GLY A 125 -16.51 14.39 9.62
CA GLY A 125 -17.80 14.51 8.99
C GLY A 125 -18.20 13.49 7.97
N ALA A 126 -17.30 12.59 7.61
CA ALA A 126 -17.66 11.58 6.64
C ALA A 126 -18.70 10.59 7.09
N GLU A 127 -19.64 10.29 6.21
CA GLU A 127 -20.69 9.32 6.55
C GLU A 127 -20.31 7.98 6.04
N LEU A 128 -19.96 7.07 6.94
CA LEU A 128 -19.40 5.78 6.54
C LEU A 128 -20.46 4.75 6.76
N HIS A 129 -20.54 3.81 5.83
CA HIS A 129 -21.48 2.72 5.91
C HIS A 129 -20.87 1.41 5.60
N THR A 130 -21.12 0.46 6.48
CA THR A 130 -20.65 -0.86 6.38
C THR A 130 -21.80 -1.74 5.90
N GLY A 131 -21.43 -2.92 5.43
CA GLY A 131 -22.35 -3.89 4.91
C GLY A 131 -23.10 -3.39 3.71
N VAL A 132 -22.50 -2.53 2.89
CA VAL A 132 -23.14 -2.00 1.72
C VAL A 132 -22.17 -2.16 0.55
N THR A 133 -22.67 -2.81 -0.50
CA THR A 133 -21.89 -3.01 -1.74
C THR A 133 -22.36 -2.11 -2.86
N VAL A 134 -21.39 -1.47 -3.51
CA VAL A 134 -21.65 -0.64 -4.67
C VAL A 134 -21.68 -1.53 -5.88
N THR A 135 -22.84 -1.54 -6.54
CA THR A 135 -23.08 -2.48 -7.62
C THR A 135 -22.85 -1.84 -8.99
N ASP A 136 -22.95 -0.51 -9.07
CA ASP A 136 -22.74 0.20 -10.34
C ASP A 136 -22.46 1.66 -10.06
N VAL A 137 -21.81 2.30 -11.01
CA VAL A 137 -21.60 3.73 -11.08
C VAL A 137 -21.74 4.13 -12.54
N ILE A 138 -22.57 5.14 -12.81
CA ILE A 138 -22.72 5.70 -14.13
C ILE A 138 -22.64 7.19 -13.98
N THR A 139 -22.37 7.90 -15.06
CA THR A 139 -22.38 9.36 -15.11
C THR A 139 -23.54 9.77 -16.01
N GLU A 140 -24.38 10.62 -15.48
CA GLU A 140 -25.51 11.17 -16.29
C GLU A 140 -25.48 12.67 -16.08
N GLY A 141 -25.38 13.40 -17.16
CA GLY A 141 -25.21 14.87 -17.05
C GLY A 141 -24.00 15.22 -16.22
N ASP A 142 -24.20 16.04 -15.19
CA ASP A 142 -23.12 16.55 -14.34
C ASP A 142 -23.08 15.87 -12.95
N LYS A 143 -23.55 14.63 -12.86
CA LYS A 143 -23.58 13.83 -11.61
C LYS A 143 -23.17 12.37 -11.85
N ALA A 144 -22.54 11.78 -10.85
CA ALA A 144 -22.41 10.35 -10.76
C ALA A 144 -23.60 9.78 -10.14
N ILE A 145 -24.08 8.65 -10.66
CA ILE A 145 -25.21 7.99 -10.05
C ILE A 145 -24.69 6.65 -9.61
N VAL A 146 -24.80 6.37 -8.29
CA VAL A 146 -24.22 5.21 -7.70
C VAL A 146 -25.29 4.28 -7.18
N SER A 147 -25.19 3.02 -7.59
CA SER A 147 -26.13 1.97 -7.17
C SER A 147 -25.57 1.08 -6.08
N THR A 148 -26.38 0.76 -5.08
CA THR A 148 -25.98 -0.08 -4.00
C THR A 148 -26.88 -1.32 -3.93
N ASP A 149 -26.41 -2.32 -3.20
CA ASP A 149 -27.06 -3.65 -3.16
C ASP A 149 -28.27 -3.76 -2.22
N ASP A 150 -28.77 -2.63 -1.81
CA ASP A 150 -30.05 -2.59 -1.08
C ASP A 150 -31.09 -1.98 -2.00
N GLY A 151 -30.80 -1.92 -3.30
CA GLY A 151 -31.75 -1.35 -4.24
C GLY A 151 -31.79 0.15 -4.35
N ARG A 152 -30.94 0.86 -3.64
CA ARG A 152 -31.00 2.29 -3.73
C ARG A 152 -30.03 2.83 -4.81
N THR A 153 -30.28 4.06 -5.25
CA THR A 153 -29.36 4.82 -6.06
C THR A 153 -29.08 6.14 -5.37
N HIS A 154 -27.89 6.67 -5.57
CA HIS A 154 -27.40 7.85 -4.88
C HIS A 154 -26.76 8.78 -5.89
N GLU A 155 -26.97 10.07 -5.69
CA GLU A 155 -26.43 11.07 -6.56
C GLU A 155 -25.27 11.80 -5.88
N ALA A 156 -24.18 11.97 -6.61
CA ALA A 156 -23.09 12.78 -6.16
C ALA A 156 -22.42 13.52 -7.29
N ASP A 157 -21.49 14.40 -6.96
CA ASP A 157 -20.74 15.16 -7.94
C ASP A 157 -19.70 14.24 -8.66
N ILE A 158 -19.05 13.41 -7.88
CA ILE A 158 -18.11 12.40 -8.36
C ILE A 158 -18.19 11.16 -7.47
N ALA A 159 -17.69 10.04 -7.99
CA ALA A 159 -17.51 8.81 -7.27
C ALA A 159 -16.10 8.30 -7.38
N LEU A 160 -15.60 7.75 -6.26
CA LEU A 160 -14.29 7.12 -6.27
C LEU A 160 -14.43 5.61 -6.26
N GLY A 161 -13.86 4.96 -7.26
CA GLY A 161 -13.79 3.53 -7.30
C GLY A 161 -12.58 3.03 -6.57
N MET A 162 -12.75 2.63 -5.32
CA MET A 162 -11.66 2.24 -4.45
C MET A 162 -11.93 0.84 -3.94
N ASP A 163 -12.25 -0.04 -4.86
CA ASP A 163 -12.67 -1.40 -4.56
C ASP A 163 -11.54 -2.45 -4.78
N GLY A 164 -10.28 -2.00 -4.72
CA GLY A 164 -9.17 -2.95 -4.55
C GLY A 164 -8.67 -3.66 -5.82
N LEU A 165 -7.76 -4.60 -5.56
CA LEU A 165 -7.09 -5.34 -6.63
C LEU A 165 -8.13 -6.00 -7.54
N LYS A 166 -9.15 -6.58 -6.94
CA LYS A 166 -10.21 -7.30 -7.69
C LYS A 166 -11.40 -6.40 -8.07
N SER A 167 -11.13 -5.10 -8.22
CA SER A 167 -12.11 -4.10 -8.62
C SER A 167 -12.97 -4.54 -9.76
N ARG A 168 -14.28 -4.47 -9.54
CA ARG A 168 -15.24 -4.60 -10.62
C ARG A 168 -15.53 -3.28 -11.29
N LEU A 169 -15.42 -2.17 -10.57
CA LEU A 169 -15.65 -0.87 -11.17
C LEU A 169 -14.60 -0.60 -12.26
N ARG A 170 -13.42 -1.18 -12.06
CA ARG A 170 -12.36 -1.00 -13.09
C ARG A 170 -12.80 -1.48 -14.48
N GLU A 171 -13.70 -2.46 -14.54
CA GLU A 171 -14.21 -3.02 -15.80
C GLU A 171 -14.84 -1.94 -16.68
N LYS A 172 -15.27 -0.81 -16.11
CA LYS A 172 -15.78 0.31 -16.91
C LYS A 172 -14.74 0.91 -17.80
N ILE A 173 -13.48 0.75 -17.42
CA ILE A 173 -12.35 1.36 -18.13
C ILE A 173 -11.41 0.38 -18.81
N SER A 174 -11.24 -0.78 -18.23
CA SER A 174 -10.25 -1.75 -18.71
C SER A 174 -10.80 -3.16 -18.51
N GLY A 175 -10.57 -3.99 -19.49
CA GLY A 175 -10.84 -5.39 -19.38
C GLY A 175 -9.74 -6.30 -18.91
N ASP A 176 -8.64 -5.72 -18.43
CA ASP A 176 -7.53 -6.50 -17.95
C ASP A 176 -7.80 -7.31 -16.73
N GLU A 177 -7.02 -8.37 -16.55
CA GLU A 177 -7.12 -9.20 -15.36
C GLU A 177 -5.85 -9.09 -14.51
N PRO A 178 -5.94 -9.44 -13.24
CA PRO A 178 -4.70 -9.48 -12.43
C PRO A 178 -3.65 -10.41 -13.04
N VAL A 179 -2.38 -10.04 -12.90
CA VAL A 179 -1.23 -10.73 -13.46
C VAL A 179 -0.54 -11.42 -12.25
N SER A 180 -0.43 -12.73 -12.27
CA SER A 180 0.23 -13.48 -11.23
C SER A 180 1.72 -13.33 -11.29
N SER A 181 2.31 -13.01 -10.14
CA SER A 181 3.73 -13.00 -9.99
C SER A 181 4.34 -14.37 -9.84
N GLY A 182 3.54 -15.34 -9.48
CA GLY A 182 4.07 -16.65 -9.12
C GLY A 182 4.71 -16.70 -7.78
N TYR A 183 4.63 -15.61 -6.99
CA TYR A 183 5.14 -15.59 -5.66
C TYR A 183 3.97 -15.50 -4.69
N ALA A 184 4.14 -16.08 -3.51
CA ALA A 184 3.14 -16.01 -2.43
C ALA A 184 3.73 -15.43 -1.17
N ALA A 185 2.92 -14.69 -0.41
CA ALA A 185 3.35 -14.04 0.83
C ALA A 185 2.62 -14.66 2.02
N TYR A 186 3.38 -14.96 3.06
CA TYR A 186 2.85 -15.35 4.37
C TYR A 186 3.26 -14.32 5.38
N ARG A 187 2.44 -14.15 6.43
CA ARG A 187 2.71 -13.28 7.53
C ARG A 187 2.61 -14.02 8.85
N GLY A 188 3.21 -13.38 9.82
CA GLY A 188 3.10 -13.74 11.23
C GLY A 188 3.39 -12.56 12.16
N THR A 189 2.73 -12.54 13.31
CA THR A 189 3.18 -11.66 14.37
C THR A 189 3.34 -12.57 15.54
N THR A 190 4.42 -12.40 16.25
CA THR A 190 4.75 -13.21 17.39
C THR A 190 5.11 -12.26 18.50
N PRO A 191 4.76 -12.63 19.74
CA PRO A 191 5.32 -11.86 20.82
C PRO A 191 6.82 -11.85 20.75
N TYR A 192 7.37 -10.66 20.88
CA TYR A 192 8.77 -10.43 20.50
C TYR A 192 9.68 -11.38 21.22
N ARG A 193 9.45 -11.48 22.53
CA ARG A 193 10.17 -12.38 23.37
C ARG A 193 10.02 -13.85 23.05
N ASP A 194 8.96 -14.27 22.34
CA ASP A 194 8.86 -15.68 21.97
C ASP A 194 9.59 -16.02 20.70
N VAL A 195 10.16 -15.01 20.04
CA VAL A 195 10.87 -15.34 18.85
C VAL A 195 12.30 -15.68 19.27
N GLU A 196 12.80 -16.82 18.81
CA GLU A 196 14.18 -17.20 19.03
C GLU A 196 15.06 -16.29 18.17
N LEU A 197 15.64 -15.25 18.81
CA LEU A 197 16.56 -14.30 18.17
C LEU A 197 17.99 -14.36 18.79
N ASP A 198 18.94 -14.58 17.90
CA ASP A 198 20.38 -14.55 18.16
C ASP A 198 20.81 -13.09 18.50
N GLU A 199 20.29 -12.14 17.74
CA GLU A 199 20.52 -10.76 18.02
C GLU A 199 19.18 -10.07 17.91
N ASP A 200 18.98 -9.10 18.78
CA ASP A 200 17.74 -8.33 18.80
C ASP A 200 17.56 -7.48 17.54
N ILE A 201 16.31 -7.16 17.23
CA ILE A 201 15.93 -6.42 16.02
C ILE A 201 15.34 -5.06 16.37
N GLU A 202 15.91 -3.97 15.82
CA GLU A 202 15.33 -2.61 15.99
C GLU A 202 15.21 -1.91 14.61
N ASP A 203 15.32 -2.74 13.59
CA ASP A 203 15.33 -2.31 12.19
C ASP A 203 14.25 -3.07 11.41
N VAL A 204 14.00 -2.62 10.16
CA VAL A 204 13.34 -3.46 9.19
C VAL A 204 14.44 -4.30 8.55
N VAL A 205 14.38 -5.62 8.66
CA VAL A 205 15.41 -6.51 8.13
C VAL A 205 14.83 -7.28 6.97
N GLY A 206 15.46 -7.22 5.80
CA GLY A 206 15.08 -7.98 4.62
C GLY A 206 16.17 -8.96 4.19
N TYR A 207 15.90 -10.26 4.36
CA TYR A 207 16.79 -11.27 3.83
C TYR A 207 16.37 -11.60 2.46
N ILE A 208 17.27 -11.48 1.50
CA ILE A 208 16.97 -11.62 0.09
C ILE A 208 17.77 -12.78 -0.46
N GLY A 209 17.09 -13.71 -1.09
CA GLY A 209 17.75 -14.92 -1.57
C GLY A 209 17.22 -15.42 -2.89
N PRO A 210 17.80 -16.50 -3.38
CA PRO A 210 17.29 -17.05 -4.60
C PRO A 210 15.81 -17.50 -4.46
N ARG A 211 14.98 -16.87 -5.30
CA ARG A 211 13.51 -17.17 -5.37
C ARG A 211 12.80 -17.02 -4.03
N CYS A 212 13.28 -16.13 -3.18
CA CYS A 212 12.59 -15.92 -1.92
C CYS A 212 13.13 -14.72 -1.17
N HIS A 213 12.32 -14.25 -0.24
CA HIS A 213 12.78 -13.29 0.73
C HIS A 213 12.08 -13.49 2.05
N PHE A 214 12.58 -12.84 3.09
CA PHE A 214 12.07 -12.93 4.44
C PHE A 214 12.33 -11.61 5.13
N ILE A 215 11.27 -11.01 5.68
CA ILE A 215 11.34 -9.69 6.26
C ILE A 215 10.93 -9.77 7.71
N GLN A 216 11.61 -9.02 8.58
CA GLN A 216 11.25 -8.89 9.97
C GLN A 216 11.29 -7.43 10.40
N TYR A 217 10.33 -7.02 11.24
CA TYR A 217 10.39 -5.79 11.91
C TYR A 217 9.53 -5.74 13.16
N PRO A 218 9.93 -4.94 14.12
CA PRO A 218 9.14 -4.86 15.36
C PRO A 218 7.87 -4.07 15.13
N LEU A 219 6.86 -4.29 15.99
CA LEU A 219 5.65 -3.50 16.00
C LEU A 219 5.38 -3.05 17.41
N ARG A 220 4.46 -2.11 17.58
CA ARG A 220 3.88 -1.72 18.88
C ARG A 220 5.01 -1.53 19.89
N GLY A 221 5.86 -0.55 19.60
CA GLY A 221 6.95 -0.27 20.51
C GLY A 221 7.91 -1.40 20.91
N GLY A 222 8.12 -2.38 20.04
CA GLY A 222 9.02 -3.47 20.28
C GLY A 222 8.46 -4.72 20.96
N GLU A 223 7.17 -4.71 21.28
CA GLU A 223 6.53 -5.85 21.95
C GLU A 223 6.19 -7.07 21.06
N MET A 224 5.99 -6.81 19.76
CA MET A 224 5.74 -7.88 18.83
C MET A 224 6.73 -7.74 17.67
N LEU A 225 7.00 -8.86 17.04
CA LEU A 225 7.78 -8.95 15.80
C LEU A 225 6.89 -9.39 14.67
N ASN A 226 6.89 -8.59 13.60
CA ASN A 226 6.24 -8.91 12.33
C ASN A 226 7.23 -9.68 11.50
N GLN A 227 6.79 -10.78 10.93
CA GLN A 227 7.57 -11.57 10.01
C GLN A 227 6.79 -11.86 8.73
N VAL A 228 7.49 -11.82 7.58
CA VAL A 228 6.85 -11.98 6.26
C VAL A 228 7.76 -12.85 5.39
N ALA A 229 7.21 -13.90 4.80
CA ALA A 229 7.92 -14.82 3.95
C ALA A 229 7.30 -14.81 2.58
N VAL A 230 8.08 -14.49 1.58
CA VAL A 230 7.67 -14.45 0.21
C VAL A 230 8.54 -15.39 -0.63
N PHE A 231 7.91 -16.26 -1.39
CA PHE A 231 8.66 -17.26 -2.14
C PHE A 231 7.98 -17.63 -3.44
N GLU A 232 8.76 -18.17 -4.33
CA GLU A 232 8.31 -18.56 -5.64
C GLU A 232 7.59 -19.92 -5.51
N SER A 233 6.33 -19.98 -5.93
CA SER A 233 5.51 -21.16 -5.81
C SER A 233 5.67 -22.11 -6.98
N PRO A 234 6.21 -23.33 -6.71
CA PRO A 234 6.26 -24.28 -7.82
C PRO A 234 4.88 -24.68 -8.31
N GLY A 235 3.93 -24.69 -7.35
CA GLY A 235 2.52 -25.04 -7.71
C GLY A 235 1.95 -24.11 -8.76
N PHE A 236 2.25 -22.83 -8.64
CA PHE A 236 1.80 -21.92 -9.65
C PHE A 236 2.18 -22.31 -11.08
N LYS A 237 3.43 -22.73 -11.30
CA LYS A 237 3.86 -22.99 -12.66
C LYS A 237 3.19 -24.27 -13.22
N ASN A 238 2.59 -25.04 -12.33
CA ASN A 238 1.85 -26.26 -12.73
C ASN A 238 0.33 -26.16 -12.80
N GLY A 239 -0.21 -24.97 -12.62
CA GLY A 239 -1.64 -24.70 -12.85
C GLY A 239 -2.50 -24.96 -11.64
N ILE A 240 -1.89 -25.17 -10.48
CA ILE A 240 -2.68 -25.27 -9.23
C ILE A 240 -3.51 -23.96 -9.09
N GLU A 241 -4.83 -24.12 -8.94
CA GLU A 241 -5.70 -22.97 -8.79
C GLU A 241 -5.42 -22.32 -7.46
N ASN A 242 -5.34 -23.10 -6.38
CA ASN A 242 -5.14 -22.56 -5.06
C ASN A 242 -3.68 -22.62 -4.70
N TRP A 243 -2.90 -21.92 -5.49
CA TRP A 243 -1.41 -22.12 -5.41
C TRP A 243 -0.76 -21.36 -4.24
N GLY A 244 0.43 -21.78 -3.82
CA GLY A 244 1.18 -21.11 -2.76
C GLY A 244 0.91 -21.59 -1.37
N GLY A 245 0.28 -22.74 -1.26
CA GLY A 245 -0.06 -23.25 0.07
C GLY A 245 1.12 -23.69 0.90
N PRO A 246 0.88 -23.91 2.22
CA PRO A 246 1.96 -23.98 3.21
C PRO A 246 2.79 -25.22 3.11
N GLU A 247 2.31 -26.24 2.40
CA GLU A 247 3.12 -27.42 2.08
C GLU A 247 4.33 -27.05 1.24
N GLU A 248 4.33 -25.86 0.63
CA GLU A 248 5.47 -25.39 -0.14
C GLU A 248 6.55 -24.67 0.70
N LEU A 249 6.22 -24.22 1.90
CA LEU A 249 7.15 -23.34 2.63
C LEU A 249 8.48 -23.99 2.98
N GLU A 250 8.47 -25.20 3.56
CA GLU A 250 9.74 -25.79 3.94
C GLU A 250 10.78 -25.91 2.79
N GLN A 251 10.40 -26.48 1.65
CA GLN A 251 11.32 -26.61 0.51
C GLN A 251 11.72 -25.26 -0.09
N ALA A 252 10.78 -24.32 -0.15
CA ALA A 252 11.06 -22.97 -0.65
C ALA A 252 12.21 -22.27 0.11
N TYR A 253 12.46 -22.62 1.38
CA TYR A 253 13.50 -21.98 2.17
C TYR A 253 14.72 -22.87 2.52
N ALA A 254 14.73 -24.09 2.01
CA ALA A 254 15.64 -25.12 2.49
C ALA A 254 17.08 -24.73 2.28
N HIS A 255 17.30 -23.85 1.30
CA HIS A 255 18.67 -23.41 0.88
C HIS A 255 19.14 -22.18 1.65
N CYS A 256 18.28 -21.63 2.52
CA CYS A 256 18.55 -20.40 3.27
C CYS A 256 19.25 -20.67 4.58
N HIS A 257 19.77 -19.60 5.14
CA HIS A 257 20.41 -19.57 6.45
C HIS A 257 19.42 -19.95 7.54
N GLU A 258 19.94 -20.57 8.63
CA GLU A 258 19.07 -20.90 9.78
C GLU A 258 18.21 -19.78 10.31
N ASN A 259 18.69 -18.53 10.30
CA ASN A 259 17.95 -17.43 10.82
C ASN A 259 16.72 -17.20 9.98
N VAL A 260 16.76 -17.54 8.71
CA VAL A 260 15.58 -17.44 7.86
C VAL A 260 14.67 -18.64 8.05
N ARG A 261 15.28 -19.84 8.01
CA ARG A 261 14.51 -21.11 8.18
C ARG A 261 13.72 -21.17 9.49
N ARG A 262 14.32 -20.71 10.57
CA ARG A 262 13.61 -20.63 11.88
C ARG A 262 12.37 -19.72 11.85
N GLY A 263 12.41 -18.71 11.00
CA GLY A 263 11.30 -17.78 10.85
C GLY A 263 10.02 -18.40 10.41
N ILE A 264 10.11 -19.36 9.50
CA ILE A 264 8.93 -19.96 8.90
C ILE A 264 7.92 -20.49 9.94
N ASP A 265 8.43 -20.99 11.07
CA ASP A 265 7.58 -21.65 12.05
C ASP A 265 6.63 -20.67 12.71
N TYR A 266 6.90 -19.37 12.61
CA TYR A 266 6.14 -18.40 13.32
C TYR A 266 5.00 -17.89 12.48
N LEU A 267 5.03 -18.22 11.19
CA LEU A 267 4.06 -17.59 10.30
C LEU A 267 2.68 -18.17 10.55
N TRP A 268 1.63 -17.38 10.35
CA TRP A 268 0.28 -17.96 10.18
C TRP A 268 0.29 -18.86 8.95
N LYS A 269 -0.22 -20.08 9.08
CA LYS A 269 -0.34 -21.04 7.98
C LYS A 269 -1.74 -21.23 7.46
N ASP A 270 -2.73 -20.59 8.06
CA ASP A 270 -4.13 -20.84 7.67
C ASP A 270 -4.59 -19.96 6.54
N ARG A 271 -3.79 -18.98 6.16
CA ARG A 271 -4.19 -17.94 5.22
C ARG A 271 -2.85 -17.46 4.60
N TRP A 272 -2.88 -17.10 3.33
CA TRP A 272 -1.68 -16.53 2.63
C TRP A 272 -2.16 -15.61 1.52
N TRP A 273 -1.21 -14.89 0.92
CA TRP A 273 -1.53 -13.89 -0.07
C TRP A 273 -0.77 -14.16 -1.34
N PRO A 274 -1.37 -14.89 -2.27
CA PRO A 274 -0.79 -15.01 -3.63
C PRO A 274 -0.68 -13.62 -4.25
N MET A 275 0.50 -13.33 -4.76
CA MET A 275 0.84 -11.93 -5.14
C MET A 275 0.55 -11.69 -6.60
N TYR A 276 -0.36 -10.76 -6.84
CA TYR A 276 -0.73 -10.33 -8.19
C TYR A 276 -0.57 -8.84 -8.27
N ASP A 277 -0.34 -8.33 -9.48
CA ASP A 277 -0.49 -6.87 -9.75
C ASP A 277 -1.30 -6.73 -11.01
N ARG A 278 -1.29 -5.57 -11.60
CA ARG A 278 -1.86 -5.36 -12.92
C ARG A 278 -0.88 -4.57 -13.77
N GLU A 279 -0.97 -4.74 -15.07
CA GLU A 279 -0.23 -3.90 -15.98
C GLU A 279 -0.64 -2.45 -15.79
N PRO A 280 0.31 -1.51 -15.88
CA PRO A 280 -0.06 -0.06 -15.70
C PRO A 280 -1.00 0.43 -16.77
N ILE A 281 -1.98 1.25 -16.34
CA ILE A 281 -2.89 1.95 -17.27
C ILE A 281 -2.80 3.45 -17.02
N GLU A 282 -2.95 4.24 -18.07
CA GLU A 282 -2.85 5.69 -17.98
C GLU A 282 -4.14 6.33 -17.54
N ASN A 283 -5.25 5.93 -18.14
CA ASN A 283 -6.55 6.55 -17.86
C ASN A 283 -7.26 5.82 -16.74
N TRP A 284 -7.67 6.55 -15.68
CA TRP A 284 -8.39 6.02 -14.53
C TRP A 284 -9.79 6.58 -14.41
N VAL A 285 -10.22 7.40 -15.37
CA VAL A 285 -11.45 8.19 -15.24
C VAL A 285 -12.49 7.69 -16.25
N ASP A 286 -13.70 7.50 -15.77
CA ASP A 286 -14.90 7.25 -16.60
C ASP A 286 -15.95 8.28 -16.22
N GLY A 287 -16.04 9.38 -16.95
CA GLY A 287 -17.01 10.44 -16.66
C GLY A 287 -16.67 11.07 -15.32
N ARG A 288 -17.56 10.88 -14.34
CA ARG A 288 -17.34 11.47 -13.03
C ARG A 288 -16.96 10.39 -12.00
N MET A 289 -16.48 9.25 -12.51
CA MET A 289 -15.83 8.28 -11.64
CA MET A 289 -15.86 8.20 -11.69
C MET A 289 -14.35 8.23 -11.91
N ILE A 290 -13.57 8.21 -10.81
CA ILE A 290 -12.14 7.95 -10.90
C ILE A 290 -11.77 6.72 -10.06
N LEU A 291 -10.95 5.83 -10.63
CA LEU A 291 -10.36 4.72 -9.93
C LEU A 291 -9.17 5.27 -9.11
N LEU A 292 -9.05 4.87 -7.86
CA LEU A 292 -7.89 5.20 -7.04
C LEU A 292 -7.52 4.04 -6.15
N GLY A 293 -6.34 4.13 -5.55
CA GLY A 293 -5.85 3.02 -4.76
C GLY A 293 -5.54 1.80 -5.62
N ASP A 294 -5.67 0.61 -5.02
CA ASP A 294 -5.36 -0.64 -5.79
C ASP A 294 -6.26 -0.82 -7.02
N ALA A 295 -7.47 -0.25 -6.98
CA ALA A 295 -8.38 -0.32 -8.15
C ALA A 295 -7.73 0.28 -9.40
N ALA A 296 -6.89 1.32 -9.16
CA ALA A 296 -6.21 2.01 -10.30
C ALA A 296 -4.83 1.43 -10.55
N HIS A 297 -4.12 1.08 -9.47
CA HIS A 297 -2.63 0.81 -9.53
C HIS A 297 -2.17 -0.16 -8.46
N PRO A 298 -2.54 -1.45 -8.58
CA PRO A 298 -2.20 -2.47 -7.58
C PRO A 298 -0.78 -2.96 -7.88
N PRO A 299 0.15 -2.80 -6.92
CA PRO A 299 1.52 -3.21 -7.15
C PRO A 299 1.86 -4.56 -6.52
N LEU A 300 3.01 -5.09 -6.88
CA LEU A 300 3.64 -6.11 -6.03
C LEU A 300 4.35 -5.35 -4.90
N GLN A 301 4.49 -5.95 -3.74
CA GLN A 301 4.77 -5.14 -2.56
C GLN A 301 6.22 -4.86 -2.27
N TYR A 302 7.09 -5.03 -3.25
CA TYR A 302 8.51 -4.89 -3.03
C TYR A 302 8.94 -3.48 -2.58
N LEU A 303 8.24 -2.45 -3.03
CA LEU A 303 8.54 -1.11 -2.61
C LEU A 303 7.74 -0.61 -1.38
N ALA A 304 6.90 -1.50 -0.84
CA ALA A 304 6.14 -1.23 0.38
C ALA A 304 5.42 0.11 0.32
N SER A 305 4.77 0.34 -0.81
CA SER A 305 4.16 1.61 -1.13
C SER A 305 2.72 1.56 -1.71
N GLY A 306 2.06 0.43 -1.72
CA GLY A 306 0.66 0.36 -2.23
C GLY A 306 -0.32 1.21 -1.41
N ALA A 307 -0.33 0.99 -0.08
CA ALA A 307 -1.19 1.81 0.75
C ALA A 307 -0.72 3.25 0.76
N VAL A 308 0.62 3.43 0.70
CA VAL A 308 1.11 4.80 0.62
C VAL A 308 0.58 5.50 -0.64
N MET A 309 0.59 4.83 -1.77
CA MET A 309 0.05 5.41 -3.03
C MET A 309 -1.41 5.79 -2.89
N ALA A 310 -2.22 4.94 -2.18
CA ALA A 310 -3.62 5.26 -1.97
C ALA A 310 -3.75 6.53 -1.11
N ILE A 311 -2.89 6.64 -0.10
CA ILE A 311 -2.81 7.84 0.73
C ILE A 311 -2.43 9.09 -0.06
N GLU A 312 -1.41 8.96 -0.91
CA GLU A 312 -1.04 10.03 -1.82
C GLU A 312 -2.19 10.43 -2.73
N ASP A 313 -2.91 9.44 -3.20
CA ASP A 313 -4.08 9.69 -4.02
C ASP A 313 -5.11 10.64 -3.35
N ALA A 314 -5.36 10.32 -2.07
CA ALA A 314 -6.25 11.12 -1.31
C ALA A 314 -5.79 12.55 -1.20
N LYS A 315 -4.52 12.75 -0.87
CA LYS A 315 -4.00 14.07 -0.68
C LYS A 315 -4.11 14.87 -2.02
N CYS A 316 -3.69 14.24 -3.11
CA CYS A 316 -3.74 14.93 -4.41
C CYS A 316 -5.16 15.28 -4.79
N LEU A 317 -6.09 14.33 -4.70
CA LEU A 317 -7.47 14.60 -5.03
C LEU A 317 -8.07 15.78 -4.21
N ALA A 318 -7.89 15.68 -2.90
CA ALA A 318 -8.41 16.74 -2.01
C ALA A 318 -7.80 18.05 -2.27
N ASP A 319 -6.48 18.09 -2.45
CA ASP A 319 -5.81 19.35 -2.64
C ASP A 319 -6.20 19.99 -3.98
N TYR A 320 -6.10 19.22 -5.05
CA TYR A 320 -6.40 19.77 -6.37
C TYR A 320 -7.88 20.19 -6.45
N ALA A 321 -8.78 19.43 -5.86
CA ALA A 321 -10.21 19.75 -5.93
C ALA A 321 -10.48 21.03 -5.14
N ALA A 322 -9.95 21.07 -3.94
CA ALA A 322 -10.17 22.29 -3.11
C ALA A 322 -9.68 23.54 -3.77
N GLU A 323 -8.55 23.44 -4.41
CA GLU A 323 -8.01 24.53 -5.21
C GLU A 323 -8.99 24.99 -6.31
N ASP A 324 -9.54 24.07 -7.08
CA ASP A 324 -10.28 24.44 -8.29
C ASP A 324 -11.80 24.54 -8.13
N PHE A 325 -12.39 23.79 -7.20
CA PHE A 325 -13.86 23.72 -7.06
C PHE A 325 -14.35 25.06 -6.50
N SER A 326 -13.52 25.63 -5.64
CA SER A 326 -13.81 26.92 -5.01
C SER A 326 -14.15 28.02 -6.01
N THR A 327 -13.39 28.06 -7.09
CA THR A 327 -13.57 29.00 -8.18
C THR A 327 -14.51 28.52 -9.28
N GLY A 328 -14.49 27.23 -9.64
CA GLY A 328 -15.30 26.68 -10.76
C GLY A 328 -16.56 25.87 -10.43
N GLY A 329 -16.74 25.53 -9.15
CA GLY A 329 -17.88 24.72 -8.71
C GLY A 329 -17.96 23.33 -9.32
N ASN A 330 -19.18 22.77 -9.35
CA ASN A 330 -19.42 21.39 -9.81
C ASN A 330 -19.02 21.13 -11.22
N SER A 331 -19.15 22.17 -12.05
CA SER A 331 -18.75 22.05 -13.46
C SER A 331 -17.26 21.72 -13.66
N ALA A 332 -16.48 22.08 -12.67
CA ALA A 332 -15.03 21.85 -12.72
C ALA A 332 -14.62 20.39 -12.44
N TRP A 333 -15.52 19.51 -12.00
CA TRP A 333 -15.08 18.16 -11.54
C TRP A 333 -14.39 17.31 -12.62
N PRO A 334 -14.91 17.26 -13.85
CA PRO A 334 -14.19 16.47 -14.81
C PRO A 334 -12.73 16.95 -15.07
N GLN A 335 -12.50 18.23 -15.16
CA GLN A 335 -11.14 18.71 -15.23
C GLN A 335 -10.27 18.39 -14.03
N ILE A 336 -10.82 18.54 -12.85
CA ILE A 336 -10.13 18.16 -11.65
C ILE A 336 -9.72 16.66 -11.72
N LEU A 337 -10.66 15.79 -12.04
CA LEU A 337 -10.30 14.34 -12.14
C LEU A 337 -9.19 14.11 -13.17
N LYS A 338 -9.28 14.78 -14.30
CA LYS A 338 -8.24 14.66 -15.32
C LYS A 338 -6.86 15.09 -14.80
N GLU A 339 -6.78 16.21 -14.08
CA GLU A 339 -5.55 16.71 -13.59
C GLU A 339 -5.00 15.79 -12.49
N VAL A 340 -5.86 15.27 -11.64
CA VAL A 340 -5.42 14.28 -10.63
C VAL A 340 -4.87 13.03 -11.33
N ASN A 341 -5.60 12.51 -12.33
CA ASN A 341 -5.11 11.34 -13.08
C ASN A 341 -3.79 11.62 -13.74
N THR A 342 -3.61 12.80 -14.35
CA THR A 342 -2.37 13.12 -15.07
C THR A 342 -1.18 13.19 -14.08
N GLU A 343 -1.40 13.73 -12.88
CA GLU A 343 -0.34 13.78 -11.89
C GLU A 343 -0.01 12.39 -11.30
N ARG A 344 -1.04 11.58 -11.08
CA ARG A 344 -0.86 10.36 -10.30
C ARG A 344 -0.40 9.19 -11.15
N ALA A 345 -0.80 9.11 -12.43
CA ALA A 345 -0.53 7.88 -13.21
C ALA A 345 0.98 7.71 -13.40
N PRO A 346 1.74 8.75 -13.80
CA PRO A 346 3.15 8.48 -14.04
C PRO A 346 3.87 8.06 -12.76
N ARG A 347 3.52 8.69 -11.64
CA ARG A 347 4.08 8.34 -10.35
C ARG A 347 3.81 6.88 -10.00
N CYS A 348 2.52 6.53 -10.01
CA CYS A 348 2.17 5.24 -9.54
C CYS A 348 2.61 4.14 -10.51
N ASN A 349 2.54 4.44 -11.81
CA ASN A 349 2.93 3.41 -12.79
C ASN A 349 4.42 3.14 -12.76
N ARG A 350 5.21 4.11 -12.35
CA ARG A 350 6.64 3.88 -12.15
C ARG A 350 6.86 2.95 -10.94
N ILE A 351 6.06 3.09 -9.86
CA ILE A 351 6.13 2.20 -8.78
C ILE A 351 5.76 0.76 -9.21
N LEU A 352 4.72 0.61 -10.00
CA LEU A 352 4.34 -0.76 -10.45
C LEU A 352 5.50 -1.38 -11.18
N THR A 353 6.02 -0.69 -12.17
CA THR A 353 7.01 -1.25 -13.06
C THR A 353 8.36 -1.40 -12.39
N THR A 354 8.80 -0.37 -11.71
CA THR A 354 10.09 -0.46 -11.03
C THR A 354 10.00 -1.47 -9.94
N GLY A 355 8.89 -1.58 -9.27
CA GLY A 355 8.75 -2.54 -8.21
C GLY A 355 8.90 -3.96 -8.66
N ARG A 356 8.43 -4.25 -9.87
CA ARG A 356 8.65 -5.59 -10.43
C ARG A 356 10.18 -5.89 -10.58
N MET A 357 10.92 -4.94 -11.08
CA MET A 357 12.37 -5.07 -11.33
C MET A 357 13.05 -5.22 -9.98
N TRP A 358 12.65 -4.43 -8.98
CA TRP A 358 13.23 -4.44 -7.65
C TRP A 358 13.07 -5.82 -6.99
N GLY A 359 11.86 -6.43 -7.06
CA GLY A 359 11.70 -7.75 -6.56
C GLY A 359 12.54 -8.77 -7.31
N GLU A 360 12.63 -8.64 -8.64
CA GLU A 360 13.51 -9.51 -9.40
C GLU A 360 14.95 -9.42 -8.87
N LEU A 361 15.37 -8.21 -8.57
CA LEU A 361 16.72 -7.96 -8.09
C LEU A 361 16.96 -8.70 -6.78
N TRP A 362 15.95 -8.70 -5.91
CA TRP A 362 16.03 -9.46 -4.67
C TRP A 362 16.20 -10.95 -4.83
N HIS A 363 15.61 -11.50 -5.89
CA HIS A 363 15.40 -12.96 -5.98
C HIS A 363 16.42 -13.66 -6.89
N LEU A 364 17.45 -12.92 -7.32
CA LEU A 364 18.50 -13.46 -8.18
C LEU A 364 19.27 -14.62 -7.55
N ASP A 365 19.82 -15.45 -8.42
CA ASP A 365 20.63 -16.59 -8.02
C ASP A 365 21.95 -16.60 -8.84
N GLY A 366 22.86 -17.46 -8.46
CA GLY A 366 24.02 -17.69 -9.29
C GLY A 366 24.89 -16.49 -9.36
N THR A 367 25.55 -16.36 -10.51
CA THR A 367 26.44 -15.22 -10.70
C THR A 367 25.68 -13.89 -10.57
N ALA A 368 24.42 -13.86 -10.96
CA ALA A 368 23.63 -12.65 -10.85
C ALA A 368 23.51 -12.20 -9.41
N ARG A 369 23.34 -13.15 -8.51
CA ARG A 369 23.35 -12.87 -7.05
C ARG A 369 24.67 -12.35 -6.56
N ILE A 370 25.75 -12.95 -7.08
CA ILE A 370 27.10 -12.48 -6.73
C ILE A 370 27.22 -10.97 -7.09
N ALA A 371 26.80 -10.63 -8.30
CA ALA A 371 26.86 -9.25 -8.81
C ALA A 371 25.98 -8.32 -7.94
N ARG A 372 24.77 -8.77 -7.66
CA ARG A 372 23.81 -7.98 -6.88
C ARG A 372 24.35 -7.72 -5.46
N ASN A 373 24.92 -8.74 -4.84
CA ASN A 373 25.47 -8.54 -3.51
C ASN A 373 26.57 -7.49 -3.49
N GLU A 374 27.47 -7.55 -4.46
CA GLU A 374 28.58 -6.65 -4.55
C GLU A 374 28.12 -5.23 -4.86
N LEU A 375 27.11 -5.08 -5.69
CA LEU A 375 26.48 -3.81 -5.98
C LEU A 375 25.95 -3.16 -4.70
N PHE A 376 25.22 -3.92 -3.90
CA PHE A 376 24.68 -3.43 -2.69
C PHE A 376 25.78 -3.00 -1.71
N ARG A 377 26.76 -3.85 -1.59
CA ARG A 377 27.89 -3.62 -0.61
C ARG A 377 28.65 -2.34 -0.89
N THR A 378 28.96 -2.08 -2.18
CA THR A 378 29.91 -1.06 -2.54
C THR A 378 29.29 0.30 -2.83
N ARG A 379 27.96 0.43 -2.65
CA ARG A 379 27.26 1.65 -3.06
C ARG A 379 27.72 2.84 -2.25
N ASP A 380 27.44 4.01 -2.80
CA ASP A 380 27.64 5.30 -2.06
C ASP A 380 26.43 5.47 -1.16
N THR A 381 26.62 5.17 0.13
CA THR A 381 25.50 5.21 1.08
C THR A 381 25.06 6.66 1.34
N SER A 382 25.83 7.66 1.00
CA SER A 382 25.44 9.07 1.14
C SER A 382 24.59 9.53 0.01
N SER A 383 24.48 8.76 -1.08
CA SER A 383 23.72 9.15 -2.22
C SER A 383 22.24 8.81 -1.94
N TYR A 384 21.38 9.58 -2.56
CA TYR A 384 19.93 9.29 -2.49
C TYR A 384 19.39 9.02 -3.89
N LYS A 385 20.28 8.76 -4.87
CA LYS A 385 19.77 8.62 -6.19
C LYS A 385 18.81 7.41 -6.40
N TYR A 386 18.97 6.36 -5.61
CA TYR A 386 18.08 5.21 -5.76
C TYR A 386 16.69 5.43 -5.07
N THR A 387 16.57 6.44 -4.23
CA THR A 387 15.36 6.63 -3.42
C THR A 387 14.64 7.95 -3.54
N ASP A 388 15.28 9.05 -4.02
CA ASP A 388 14.57 10.30 -4.08
C ASP A 388 13.26 10.29 -4.90
N TRP A 389 13.24 9.52 -5.98
CA TRP A 389 12.02 9.39 -6.81
C TRP A 389 10.85 8.85 -6.02
N LEU A 390 11.13 8.00 -5.04
CA LEU A 390 10.13 7.34 -4.26
C LEU A 390 9.77 8.20 -3.09
N TRP A 391 10.72 8.48 -2.21
CA TRP A 391 10.40 9.08 -0.91
C TRP A 391 10.37 10.59 -0.98
N GLY A 392 10.89 11.18 -2.06
CA GLY A 392 10.93 12.63 -2.21
C GLY A 392 9.84 13.23 -3.07
N TYR A 393 8.98 12.40 -3.67
CA TYR A 393 7.83 12.87 -4.41
C TYR A 393 6.85 13.66 -3.56
N SER A 394 6.25 14.67 -4.19
CA SER A 394 5.07 15.33 -3.64
C SER A 394 4.15 15.73 -4.80
N SER A 395 2.87 15.66 -4.55
CA SER A 395 1.88 16.12 -5.50
C SER A 395 1.69 17.64 -5.44
N ASP A 396 2.33 18.33 -4.50
CA ASP A 396 2.11 19.78 -4.32
C ASP A 396 2.40 20.55 -5.57
N ARG A 397 1.44 21.36 -5.98
CA ARG A 397 1.73 22.27 -7.12
C ARG A 397 1.60 23.71 -6.60
PA FAD B . -8.23 -2.60 -0.50
O1A FAD B . -7.36 -2.69 0.72
O2A FAD B . -8.35 -3.79 -1.37
O5B FAD B . -9.70 -2.13 -0.07
C5B FAD B . -10.78 -2.25 -1.01
C4B FAD B . -12.03 -2.30 -0.13
O4B FAD B . -13.20 -2.22 -0.99
C3B FAD B . -12.12 -3.58 0.72
O3B FAD B . -12.39 -3.22 2.09
C2B FAD B . -13.36 -4.29 0.13
O2B FAD B . -14.15 -4.99 1.13
C1B FAD B . -14.17 -3.17 -0.42
N9A FAD B . -15.02 -3.46 -1.56
C8A FAD B . -14.74 -4.22 -2.64
N7A FAD B . -15.70 -4.11 -3.60
C5A FAD B . -16.62 -3.28 -3.04
C6A FAD B . -17.88 -2.72 -3.52
N6A FAD B . -18.32 -3.08 -4.72
N1A FAD B . -18.56 -1.88 -2.70
C2A FAD B . -18.07 -1.50 -1.50
N3A FAD B . -16.92 -1.99 -0.98
C4A FAD B . -16.17 -2.83 -1.75
N1 FAD B . 1.43 -1.12 1.15
C2 FAD B . 2.22 -0.23 1.79
O2 FAD B . 2.08 0.98 1.67
N3 FAD B . 3.13 -0.65 2.71
C4 FAD B . 3.39 -1.97 2.91
O4 FAD B . 4.30 -2.32 3.74
C4X FAD B . 2.64 -2.95 2.23
N5 FAD B . 2.81 -4.27 2.43
C5X FAD B . 2.09 -5.16 1.72
C6 FAD B . 2.30 -6.50 1.93
C7 FAD B . 1.57 -7.44 1.24
C7M FAD B . 1.83 -8.89 1.49
C8 FAD B . 0.52 -7.03 0.28
C8M FAD B . -0.33 -7.99 -0.49
C9 FAD B . 0.30 -5.65 0.11
C9A FAD B . 1.06 -4.74 0.76
N10 FAD B . 0.86 -3.34 0.63
C10 FAD B . 1.62 -2.41 1.29
C1' FAD B . -0.11 -2.80 -0.30
C2' FAD B . -1.44 -2.40 0.39
O2' FAD B . -1.91 -3.52 1.13
C3' FAD B . -2.49 -2.09 -0.65
O3' FAD B . -1.94 -1.35 -1.75
C4' FAD B . -3.61 -1.22 -0.12
O4' FAD B . -4.10 -1.83 1.12
C5' FAD B . -4.74 -0.99 -1.08
O5' FAD B . -5.76 -0.25 -0.40
P FAD B . -7.14 0.05 -1.16
O1P FAD B . -8.02 0.79 -0.14
O2P FAD B . -6.92 0.68 -2.53
O3P FAD B . -7.74 -1.40 -1.52
O43 P3A C . 14.70 4.41 -10.14
C42 P3A C . 15.73 3.93 -9.66
C44 P3A C . 16.02 2.54 -9.27
C45 P3A C . 15.07 2.06 -8.28
C46 P3A C . 15.40 0.67 -7.84
C47 P3A C . 14.62 0.47 -6.54
C48 P3A C . 15.13 1.20 -5.37
C49 P3A C . 14.63 0.77 -4.03
C50 P3A C . 14.55 1.76 -2.94
C51 P3A C . 14.35 1.21 -1.50
C52 P3A C . 12.94 0.68 -1.23
C53 P3A C . 12.79 -0.10 0.04
C54 P3A C . 11.44 -0.70 0.39
C55 P3A C . 11.31 -1.53 1.68
C56 P3A C . 12.19 -2.75 1.72
C57 P3A C . 11.97 -3.66 2.94
C58 P3A C . 13.00 -4.76 3.13
O41 P3A C . 16.85 4.77 -9.46
C40 P3A C . 16.71 6.03 -10.11
C38 P3A C . 18.09 6.61 -10.25
C39 P3A C . 18.12 8.07 -10.63
C39 P3A C . 17.97 8.09 -10.59
O19 P3A C . 19.49 8.34 -10.98
O19 P3A C . 16.82 8.33 -11.41
P16 P3A C . 19.95 9.81 -11.43
P16 P3A C . 15.96 9.66 -11.22
O17 P3A C . 21.47 9.75 -11.39
O17 P3A C . 15.86 10.07 -9.76
O18 P3A C . 19.53 10.82 -10.24
O18 P3A C . 14.47 9.28 -11.61
O15 P3A C . 19.24 10.13 -12.76
O15 P3A C . 16.47 10.69 -12.18
O37 P3A C . 18.55 5.94 -11.38
C21 P3A C . 19.80 5.20 -11.36
O20 P3A C . 20.47 5.21 -10.34
C22 P3A C . 20.17 4.52 -12.65
C23 P3A C . 20.71 3.09 -12.42
C24 P3A C . 19.68 2.11 -11.90
C25 P3A C . 20.35 0.83 -11.45
C26 P3A C . 19.31 0.02 -10.73
C27 P3A C . 19.83 -1.32 -10.23
C28 P3A C . 20.29 -1.19 -8.77
C29 P3A C . 19.19 -0.90 -7.85
C30 P3A C . 19.37 -0.73 -6.54
C31 P3A C . 20.73 -0.84 -6.00
C32 P3A C . 20.83 -0.65 -4.51
C33 P3A C . 19.67 -0.11 -3.75
C34 P3A C . 20.13 -0.22 -2.30
C35 P3A C . 19.25 0.52 -1.36
C36 P3A C . 18.94 1.99 -1.66
CL CL D . 3.00 -2.49 -1.76
CL CL E . 4.74 -1.05 -3.60
#